data_6ED9
#
_entry.id   6ED9
#
loop_
_entity.id
_entity.type
_entity.pdbx_description
1 polymer "DNA (5'-D(*TP*GP*GP*GP*CP*GP*GP*GP*A)-3')"
2 polymer "DNA (5'-D(*TP*CP*CP*CP*GP*CP*CP*CP*A)-3')"
#
loop_
_entity_poly.entity_id
_entity_poly.type
_entity_poly.pdbx_seq_one_letter_code
_entity_poly.pdbx_strand_id
1 'polydeoxyribonucleotide' (DT)(DG)(DG)(DG)(DC)(DG)(DG)(DG)(DA) A
2 'polydeoxyribonucleotide' (DT)(DC)(DC)(DC)(DG)(DC)(DC)(DC)(DA) B
#
loop_
_chem_comp.id
_chem_comp.type
_chem_comp.name
_chem_comp.formula
DA DNA linking 2'-DEOXYADENOSINE-5'-MONOPHOSPHATE 'C10 H14 N5 O6 P'
DC DNA linking 2'-DEOXYCYTIDINE-5'-MONOPHOSPHATE 'C9 H14 N3 O7 P'
DG DNA linking 2'-DEOXYGUANOSINE-5'-MONOPHOSPHATE 'C10 H14 N5 O7 P'
DT DNA linking THYMIDINE-5'-MONOPHOSPHATE 'C10 H15 N2 O8 P'
#